data_7OFW
#
_entry.id   7OFW
#
_cell.length_a   142.730
_cell.length_b   142.730
_cell.length_c   60.580
_cell.angle_alpha   90.000
_cell.angle_beta   90.000
_cell.angle_gamma   90.000
#
_symmetry.space_group_name_H-M   'P 4 21 2'
#
loop_
_entity.id
_entity.type
_entity.pdbx_description
1 polymer 'ABC-type transport system, periplasmic component, involved in antimicrobial peptide resistance'
2 polymer "RNA (5'-R(P*CP*CP*CP*CP*CP*CP*CP*CP*CP*GP*GP*GP*GP*GP*GP*GP*GP*G)-3')"
3 non-polymer 'PROTOPORPHYRIN IX CONTAINING FE'
4 water water
#
loop_
_entity_poly.entity_id
_entity_poly.type
_entity_poly.pdbx_seq_one_letter_code
_entity_poly.pdbx_strand_id
1 'polypeptide(L)'
;GLTYCTHASGFSFNPQTADAGTSMNVVTEQIYNKLFDIKNHSATLTPMLAQSYSISADGKEILLNLRHGVKFHQTPWFTP
TRDFNAEDVVFSINRVLGHNTYLPTLAEANVTYSNPQYKVFHEQARKVRFPYFDSIKLNEKIKSVTALSPYQVKIELFAP
DSSILSHLASQYAIIFSQEYAYQLSADDNLAQLDTHPVGTGPYQVKDYVYNQYVRLVRNENYWKKEAKIEHIIVDLSTDR
SGRLVKFFNNECQIASYPEVSQIGLLKNDDKHYYMQSTDGMNLAYLAFNFDKPLMRDHEIRAAISQSLNRARIIHSIYHN
TATVANNIIPEVSWASTVNTPEFEFDYHPKIAKNKLADKNLLLNLWVINEEQVYNPAPFKMAEMIKWDLAQAGVKVKVRA
VTRPFLTAQLRNQLENYDLILSGWLAGNLDPDGFMRPILSCGTKNELTNLSNWCNEEFDQFMDRAITTSHLSSRAKAYNE
AQELVLRELPIIPIANVKRILVANSRVKGVKMTPFGSLDFSTLYFI
;
A
2 'polyribonucleotide' CCCCCCCCCGGGGGGGGG C
#
# COMPACT_ATOMS: atom_id res chain seq x y z
N GLY A 1 -26.72 -3.85 -12.54
CA GLY A 1 -26.09 -2.96 -11.51
C GLY A 1 -25.43 -3.77 -10.41
N LEU A 2 -24.22 -3.36 -10.00
CA LEU A 2 -23.46 -4.02 -8.92
C LEU A 2 -23.12 -3.03 -7.79
N THR A 3 -23.16 -3.53 -6.54
CA THR A 3 -22.81 -2.78 -5.32
C THR A 3 -21.64 -3.46 -4.61
N TYR A 4 -20.58 -2.67 -4.40
CA TYR A 4 -19.37 -3.06 -3.71
C TYR A 4 -19.36 -2.36 -2.36
N CYS A 5 -19.39 -3.12 -1.25
CA CYS A 5 -19.38 -2.49 0.08
C CYS A 5 -17.99 -2.63 0.70
N THR A 6 -17.43 -1.49 1.12
CA THR A 6 -16.14 -1.41 1.80
C THR A 6 -16.17 -0.27 2.84
N HIS A 7 -15.05 -0.13 3.58
CA HIS A 7 -14.94 0.85 4.68
C HIS A 7 -14.73 2.26 4.11
N ALA A 8 -15.28 3.26 4.82
CA ALA A 8 -15.10 4.66 4.45
C ALA A 8 -13.69 5.12 4.81
N SER A 9 -13.02 4.32 5.66
CA SER A 9 -11.63 4.49 6.14
C SER A 9 -10.64 4.49 4.96
N GLY A 10 -10.00 5.64 4.73
CA GLY A 10 -8.98 5.79 3.69
C GLY A 10 -9.52 6.16 2.32
N PHE A 11 -10.81 6.55 2.23
CA PHE A 11 -11.48 6.88 0.92
C PHE A 11 -10.93 8.18 0.34
N SER A 12 -10.42 8.08 -0.89
CA SER A 12 -9.78 9.19 -1.60
C SER A 12 -9.95 9.00 -3.12
N PHE A 13 -10.07 10.13 -3.85
CA PHE A 13 -9.99 10.20 -5.32
C PHE A 13 -8.56 10.56 -5.71
N ASN A 14 -7.63 10.44 -4.75
CA ASN A 14 -6.22 10.75 -4.95
C ASN A 14 -5.33 9.95 -3.97
N PRO A 15 -4.80 8.78 -4.38
CA PRO A 15 -3.90 8.02 -3.50
C PRO A 15 -2.52 8.67 -3.34
N GLN A 16 -2.25 9.75 -4.07
CA GLN A 16 -0.97 10.45 -4.02
C GLN A 16 -0.81 11.25 -2.72
N THR A 17 -1.87 11.94 -2.27
CA THR A 17 -1.86 12.76 -1.03
C THR A 17 -2.14 11.92 0.23
N ALA A 18 -2.56 10.66 0.06
CA ALA A 18 -2.89 9.70 1.14
C ALA A 18 -1.62 9.19 1.84
N ASP A 19 -1.74 8.89 3.14
CA ASP A 19 -0.61 8.36 3.92
C ASP A 19 -0.18 7.01 3.33
N ALA A 20 1.13 6.79 3.21
CA ALA A 20 1.67 5.59 2.56
C ALA A 20 1.57 4.34 3.46
N GLY A 21 1.33 3.20 2.80
CA GLY A 21 1.30 1.87 3.40
C GLY A 21 0.03 1.58 4.17
N THR A 22 -1.04 2.36 3.92
CA THR A 22 -2.30 2.27 4.65
C THR A 22 -3.44 1.73 3.78
N SER A 23 -3.37 1.87 2.44
CA SER A 23 -4.52 1.45 1.61
C SER A 23 -4.13 0.96 0.21
N MET A 24 -5.11 0.31 -0.40
CA MET A 24 -5.19 0.01 -1.80
C MET A 24 -6.47 0.69 -2.29
N ASN A 25 -6.33 1.77 -3.05
CA ASN A 25 -7.44 2.62 -3.48
C ASN A 25 -8.25 1.90 -4.55
N VAL A 26 -9.44 1.39 -4.15
CA VAL A 26 -10.32 0.60 -5.02
C VAL A 26 -11.04 1.52 -6.03
N VAL A 27 -11.10 2.84 -5.77
CA VAL A 27 -11.87 3.74 -6.62
C VAL A 27 -11.00 4.30 -7.75
N THR A 28 -9.77 4.69 -7.43
CA THR A 28 -8.85 5.23 -8.44
C THR A 28 -8.28 4.10 -9.32
N GLU A 29 -8.44 2.85 -8.90
CA GLU A 29 -8.09 1.64 -9.67
C GLU A 29 -9.04 1.51 -10.89
N GLN A 30 -10.14 2.27 -10.92
CA GLN A 30 -11.20 2.09 -11.95
C GLN A 30 -11.36 3.33 -12.84
N ILE A 31 -11.03 4.52 -12.32
CA ILE A 31 -11.31 5.78 -13.01
C ILE A 31 -10.02 6.37 -13.60
N TYR A 32 -8.86 5.91 -13.12
CA TYR A 32 -7.54 6.37 -13.55
C TYR A 32 -6.69 5.20 -14.04
N ASN A 33 -5.78 5.49 -14.97
CA ASN A 33 -4.83 4.53 -15.52
C ASN A 33 -3.42 4.99 -15.12
N LYS A 34 -2.50 4.04 -15.02
CA LYS A 34 -1.07 4.30 -14.81
C LYS A 34 -0.40 4.07 -16.18
N LEU A 35 0.92 4.34 -16.30
CA LEU A 35 1.66 4.10 -17.57
C LEU A 35 1.82 2.58 -17.76
N PHE A 36 2.03 1.87 -16.65
CA PHE A 36 2.18 0.43 -16.61
C PHE A 36 1.38 -0.12 -15.42
N ASP A 37 1.15 -1.43 -15.44
CA ASP A 37 0.59 -2.21 -14.35
C ASP A 37 1.53 -3.40 -14.12
N ILE A 38 1.58 -3.89 -12.88
CA ILE A 38 2.32 -5.09 -12.54
C ILE A 38 1.33 -5.96 -11.78
N LYS A 39 0.85 -7.02 -12.44
CA LYS A 39 -0.17 -7.91 -11.89
C LYS A 39 0.31 -9.38 -11.95
N ASN A 40 1.60 -9.62 -11.70
CA ASN A 40 2.14 -11.00 -11.64
C ASN A 40 3.34 -11.08 -10.68
N HIS A 41 3.57 -12.31 -10.18
CA HIS A 41 4.63 -12.63 -9.19
C HIS A 41 6.01 -12.66 -9.87
N SER A 42 6.06 -12.22 -11.14
CA SER A 42 7.29 -12.12 -11.95
C SER A 42 7.66 -10.64 -12.20
N ALA A 43 6.78 -9.72 -11.78
CA ALA A 43 6.91 -8.25 -11.92
C ALA A 43 7.15 -7.83 -13.38
N THR A 44 6.29 -8.33 -14.26
CA THR A 44 6.29 -8.01 -15.69
C THR A 44 5.51 -6.71 -15.87
N LEU A 45 6.12 -5.74 -16.56
CA LEU A 45 5.50 -4.46 -16.86
C LEU A 45 4.43 -4.66 -17.94
N THR A 46 3.15 -4.59 -17.54
CA THR A 46 2.01 -4.65 -18.44
C THR A 46 1.80 -3.25 -19.01
N PRO A 47 1.97 -3.02 -20.33
CA PRO A 47 1.78 -1.67 -20.89
C PRO A 47 0.33 -1.14 -20.73
N MET A 48 0.18 0.09 -20.20
CA MET A 48 -1.15 0.70 -20.02
C MET A 48 -1.28 1.99 -20.83
N LEU A 49 -0.98 3.16 -20.25
CA LEU A 49 -1.05 4.40 -20.99
C LEU A 49 0.26 4.58 -21.79
N ALA A 50 1.21 3.65 -21.59
CA ALA A 50 2.47 3.61 -22.30
C ALA A 50 2.54 2.27 -23.03
N GLN A 51 2.43 2.34 -24.37
CA GLN A 51 2.51 1.23 -25.31
C GLN A 51 3.80 0.43 -25.09
N SER A 52 4.92 1.16 -24.89
CA SER A 52 6.29 0.58 -24.76
C SER A 52 7.26 1.56 -24.09
N TYR A 53 8.51 1.10 -23.88
CA TYR A 53 9.62 1.89 -23.31
C TYR A 53 10.97 1.32 -23.75
N SER A 54 12.03 2.09 -23.50
CA SER A 54 13.42 1.69 -23.71
C SER A 54 14.29 2.48 -22.74
N ILE A 55 15.35 1.85 -22.24
CA ILE A 55 16.31 2.45 -21.29
C ILE A 55 17.66 2.60 -22.00
N SER A 56 18.31 3.77 -21.85
CA SER A 56 19.64 4.06 -22.42
C SER A 56 20.68 3.11 -21.80
N ALA A 57 21.74 2.80 -22.57
CA ALA A 57 22.81 1.86 -22.19
C ALA A 57 23.40 2.19 -20.80
N ASP A 58 23.59 3.48 -20.50
CA ASP A 58 24.16 3.95 -19.21
C ASP A 58 23.13 3.84 -18.06
N GLY A 59 21.86 3.64 -18.41
CA GLY A 59 20.76 3.41 -17.47
C GLY A 59 20.15 4.68 -16.91
N LYS A 60 20.63 5.85 -17.37
CA LYS A 60 20.19 7.13 -16.81
C LYS A 60 19.10 7.80 -17.66
N GLU A 61 18.63 7.16 -18.74
CA GLU A 61 17.56 7.78 -19.57
C GLU A 61 16.50 6.74 -19.97
N ILE A 62 15.23 7.01 -19.59
CA ILE A 62 14.08 6.16 -19.97
C ILE A 62 13.18 6.95 -20.92
N LEU A 63 12.83 6.33 -22.06
CA LEU A 63 11.91 6.90 -23.04
C LEU A 63 10.60 6.09 -23.03
N LEU A 64 9.46 6.76 -22.84
CA LEU A 64 8.15 6.10 -22.81
C LEU A 64 7.38 6.44 -24.09
N ASN A 65 6.98 5.39 -24.81
CA ASN A 65 6.19 5.49 -26.03
C ASN A 65 4.72 5.28 -25.65
N LEU A 66 3.95 6.39 -25.67
CA LEU A 66 2.58 6.45 -25.18
C LEU A 66 1.60 5.98 -26.26
N ARG A 67 0.49 5.39 -25.80
CA ARG A 67 -0.61 4.85 -26.61
C ARG A 67 -1.34 6.00 -27.31
N HIS A 68 -1.79 5.74 -28.55
CA HIS A 68 -2.54 6.69 -29.35
C HIS A 68 -4.04 6.44 -29.16
N GLY A 69 -4.85 7.48 -29.38
CA GLY A 69 -6.32 7.38 -29.39
C GLY A 69 -6.96 7.18 -28.02
N VAL A 70 -6.23 7.50 -26.94
CA VAL A 70 -6.76 7.38 -25.58
C VAL A 70 -7.42 8.72 -25.24
N LYS A 71 -8.68 8.66 -24.80
CA LYS A 71 -9.40 9.89 -24.46
C LYS A 71 -9.80 9.89 -22.98
N PHE A 72 -9.87 11.11 -22.44
CA PHE A 72 -10.25 11.35 -21.07
C PHE A 72 -11.78 11.29 -20.95
N HIS A 73 -12.27 11.14 -19.71
CA HIS A 73 -13.70 11.02 -19.41
C HIS A 73 -14.46 12.28 -19.87
N GLN A 74 -15.63 12.08 -20.48
CA GLN A 74 -16.55 13.14 -20.85
C GLN A 74 -17.61 13.21 -19.73
N THR A 75 -17.36 14.08 -18.75
CA THR A 75 -18.20 14.24 -17.56
C THR A 75 -18.96 15.56 -17.66
N PRO A 76 -19.97 15.84 -16.81
CA PRO A 76 -20.66 17.14 -16.85
C PRO A 76 -19.71 18.30 -16.50
N TRP A 77 -18.69 18.05 -15.67
CA TRP A 77 -17.75 19.08 -15.18
C TRP A 77 -16.58 19.31 -16.15
N PHE A 78 -16.34 18.40 -17.11
CA PHE A 78 -15.25 18.57 -18.09
C PHE A 78 -15.53 17.81 -19.39
N THR A 79 -15.23 18.46 -20.52
CA THR A 79 -15.39 17.86 -21.85
C THR A 79 -14.08 18.04 -22.61
N PRO A 80 -13.23 17.00 -22.72
CA PRO A 80 -11.94 17.14 -23.41
C PRO A 80 -12.07 17.47 -24.91
N THR A 81 -11.04 18.16 -25.45
CA THR A 81 -10.96 18.57 -26.86
C THR A 81 -9.81 17.82 -27.57
N ARG A 82 -8.97 17.11 -26.80
CA ARG A 82 -7.84 16.37 -27.36
C ARG A 82 -7.63 15.03 -26.64
N ASP A 83 -6.94 14.13 -27.35
CA ASP A 83 -6.52 12.83 -26.86
C ASP A 83 -5.41 13.00 -25.82
N PHE A 84 -5.21 11.95 -25.00
CA PHE A 84 -4.12 11.83 -24.04
C PHE A 84 -2.78 11.89 -24.79
N ASN A 85 -1.83 12.66 -24.25
CA ASN A 85 -0.50 12.80 -24.82
C ASN A 85 0.52 13.10 -23.72
N ALA A 86 1.76 13.36 -24.12
CA ALA A 86 2.94 13.58 -23.28
C ALA A 86 2.75 14.69 -22.25
N GLU A 87 1.87 15.66 -22.52
CA GLU A 87 1.66 16.83 -21.66
C GLU A 87 1.00 16.41 -20.34
N ASP A 88 0.05 15.46 -20.41
CA ASP A 88 -0.67 14.90 -19.25
C ASP A 88 0.29 14.07 -18.38
N VAL A 89 1.24 13.38 -19.03
CA VAL A 89 2.27 12.58 -18.36
C VAL A 89 3.25 13.53 -17.66
N VAL A 90 3.74 14.54 -18.39
CA VAL A 90 4.71 15.54 -17.88
C VAL A 90 4.13 16.25 -16.65
N PHE A 91 2.86 16.70 -16.72
CA PHE A 91 2.18 17.40 -15.60
C PHE A 91 2.10 16.51 -14.35
N SER A 92 1.61 15.28 -14.53
CA SER A 92 1.33 14.31 -13.46
C SER A 92 2.58 13.94 -12.64
N ILE A 93 3.72 13.66 -13.29
CA ILE A 93 4.96 13.26 -12.57
C ILE A 93 5.67 14.52 -12.01
N ASN A 94 5.68 15.63 -12.77
CA ASN A 94 6.32 16.90 -12.33
C ASN A 94 5.67 17.43 -11.04
N ARG A 95 4.34 17.25 -10.89
CA ARG A 95 3.64 17.66 -9.67
C ARG A 95 4.24 16.94 -8.44
N VAL A 96 4.31 15.59 -8.47
CA VAL A 96 4.83 14.78 -7.33
C VAL A 96 6.34 15.00 -7.12
N LEU A 97 7.08 15.41 -8.17
CA LEU A 97 8.53 15.70 -8.06
C LEU A 97 8.75 17.03 -7.33
N GLY A 98 7.88 18.00 -7.62
CA GLY A 98 7.98 19.37 -7.12
C GLY A 98 8.62 20.29 -8.16
N HIS A 99 8.44 19.94 -9.43
CA HIS A 99 8.95 20.66 -10.59
C HIS A 99 7.81 21.44 -11.25
N ASN A 100 8.15 22.39 -12.13
CA ASN A 100 7.21 23.29 -12.81
C ASN A 100 6.20 22.48 -13.65
N THR A 101 4.89 22.68 -13.35
CA THR A 101 3.75 22.06 -14.07
C THR A 101 3.30 22.96 -15.22
N TYR A 102 3.67 24.25 -15.16
CA TYR A 102 3.37 25.32 -16.15
C TYR A 102 1.86 25.49 -16.31
N ARG A 129 2.73 17.80 -0.09
CA ARG A 129 3.10 16.53 0.52
C ARG A 129 2.47 15.35 -0.25
N PHE A 130 3.33 14.47 -0.80
CA PHE A 130 2.94 13.24 -1.52
C PHE A 130 3.58 12.08 -0.75
N PRO A 131 2.99 11.59 0.37
CA PRO A 131 3.67 10.66 1.27
C PRO A 131 4.49 9.51 0.65
N TYR A 132 3.89 8.76 -0.30
CA TYR A 132 4.58 7.61 -0.95
C TYR A 132 5.84 8.07 -1.69
N PHE A 133 5.67 9.04 -2.58
CA PHE A 133 6.72 9.55 -3.44
C PHE A 133 7.77 10.32 -2.63
N ASP A 134 7.38 10.90 -1.49
CA ASP A 134 8.30 11.56 -0.56
C ASP A 134 9.18 10.49 0.10
N SER A 135 8.57 9.37 0.56
CA SER A 135 9.26 8.29 1.32
C SER A 135 10.22 7.48 0.43
N ILE A 136 9.98 7.43 -0.88
CA ILE A 136 10.86 6.71 -1.82
C ILE A 136 11.89 7.69 -2.40
N LYS A 137 11.67 9.00 -2.14
CA LYS A 137 12.48 10.15 -2.55
C LYS A 137 12.64 10.18 -4.08
N LEU A 138 11.51 10.38 -4.76
CA LEU A 138 11.39 10.40 -6.24
C LEU A 138 12.23 11.54 -6.85
N ASN A 139 12.19 12.74 -6.28
CA ASN A 139 12.94 13.91 -6.82
C ASN A 139 14.45 13.68 -6.74
N GLU A 140 14.88 12.77 -5.86
CA GLU A 140 16.30 12.39 -5.72
C GLU A 140 16.64 11.24 -6.68
N LYS A 141 15.61 10.62 -7.26
CA LYS A 141 15.74 9.55 -8.26
C LYS A 141 15.66 10.16 -9.66
N ILE A 142 14.66 11.03 -9.87
CA ILE A 142 14.38 11.67 -11.15
C ILE A 142 15.07 13.04 -11.20
N LYS A 143 15.76 13.32 -12.31
CA LYS A 143 16.26 14.66 -12.63
C LYS A 143 15.17 15.48 -13.35
N SER A 144 14.60 14.95 -14.44
CA SER A 144 13.59 15.69 -15.25
C SER A 144 12.67 14.73 -16.02
N VAL A 145 11.43 15.19 -16.26
CA VAL A 145 10.43 14.53 -17.10
C VAL A 145 10.02 15.56 -18.17
N THR A 146 10.29 15.23 -19.44
CA THR A 146 10.02 16.14 -20.56
C THR A 146 9.38 15.42 -21.76
N ALA A 147 8.57 16.17 -22.51
CA ALA A 147 7.91 15.75 -23.75
C ALA A 147 8.85 15.96 -24.94
N LEU A 148 9.14 14.90 -25.71
CA LEU A 148 9.98 14.96 -26.93
C LEU A 148 9.08 15.15 -28.16
N SER A 149 8.02 14.34 -28.22
CA SER A 149 6.95 14.34 -29.22
C SER A 149 5.64 14.38 -28.44
N PRO A 150 4.44 14.50 -29.08
CA PRO A 150 3.20 14.39 -28.31
C PRO A 150 3.01 12.97 -27.76
N TYR A 151 3.71 11.98 -28.34
CA TYR A 151 3.56 10.56 -27.96
C TYR A 151 4.88 9.95 -27.48
N GLN A 152 5.79 10.79 -26.93
CA GLN A 152 7.07 10.35 -26.36
C GLN A 152 7.52 11.26 -25.20
N VAL A 153 7.85 10.61 -24.06
CA VAL A 153 8.29 11.25 -22.81
C VAL A 153 9.70 10.74 -22.49
N LYS A 154 10.58 11.67 -22.08
CA LYS A 154 11.97 11.38 -21.68
C LYS A 154 12.12 11.65 -20.17
N ILE A 155 12.54 10.60 -19.44
CA ILE A 155 12.86 10.67 -18.01
C ILE A 155 14.38 10.65 -17.87
N GLU A 156 14.92 11.70 -17.27
CA GLU A 156 16.34 11.81 -16.93
C GLU A 156 16.53 11.29 -15.50
N LEU A 157 17.54 10.42 -15.30
CA LEU A 157 17.87 9.89 -13.96
C LEU A 157 19.27 10.36 -13.54
N PHE A 158 19.40 10.67 -12.24
CA PHE A 158 20.65 11.09 -11.63
C PHE A 158 21.71 9.98 -11.71
N ALA A 159 21.25 8.73 -11.56
CA ALA A 159 22.05 7.47 -11.61
C ALA A 159 21.10 6.33 -11.96
N PRO A 160 21.54 5.13 -12.42
CA PRO A 160 20.59 4.05 -12.74
C PRO A 160 19.75 3.61 -11.52
N ASP A 161 18.44 3.43 -11.74
CA ASP A 161 17.50 3.01 -10.73
C ASP A 161 16.56 1.97 -11.35
N SER A 162 16.69 0.70 -10.95
CA SER A 162 15.89 -0.38 -11.54
C SER A 162 14.46 -0.45 -10.95
N SER A 163 14.11 0.49 -10.06
CA SER A 163 12.82 0.53 -9.37
C SER A 163 11.84 1.59 -9.94
N ILE A 164 12.31 2.45 -10.86
CA ILE A 164 11.54 3.64 -11.36
C ILE A 164 10.19 3.22 -11.96
N LEU A 165 10.17 2.28 -12.91
CA LEU A 165 8.94 1.90 -13.64
C LEU A 165 7.98 1.11 -12.75
N SER A 166 8.49 0.43 -11.72
CA SER A 166 7.65 -0.27 -10.76
C SER A 166 6.86 0.75 -9.92
N HIS A 167 7.53 1.86 -9.54
CA HIS A 167 6.90 2.99 -8.84
C HIS A 167 5.89 3.69 -9.77
N LEU A 168 6.14 3.66 -11.08
CA LEU A 168 5.21 4.29 -12.02
C LEU A 168 4.12 3.28 -12.43
N ALA A 169 4.19 2.05 -11.87
CA ALA A 169 3.22 0.95 -12.06
C ALA A 169 2.34 0.80 -10.81
N SER A 170 2.50 1.72 -9.85
CA SER A 170 1.84 1.66 -8.55
C SER A 170 0.60 2.58 -8.53
N GLN A 171 -0.31 2.27 -7.61
CA GLN A 171 -1.58 2.99 -7.41
C GLN A 171 -1.38 4.49 -7.29
N TYR A 172 -0.20 4.89 -6.83
CA TYR A 172 0.15 6.28 -6.61
C TYR A 172 0.48 7.02 -7.92
N ALA A 173 0.80 6.30 -9.01
CA ALA A 173 1.25 6.94 -10.29
C ALA A 173 0.14 7.02 -11.33
N ILE A 174 -1.03 7.52 -10.92
CA ILE A 174 -2.20 7.71 -11.79
C ILE A 174 -1.95 8.93 -12.69
N ILE A 175 -2.48 8.91 -13.92
CA ILE A 175 -2.30 10.04 -14.84
C ILE A 175 -3.61 10.86 -14.86
N PHE A 176 -3.44 12.17 -14.61
CA PHE A 176 -4.47 13.20 -14.57
C PHE A 176 -4.49 13.91 -15.93
N SER A 177 -5.51 14.75 -16.16
CA SER A 177 -5.68 15.50 -17.40
C SER A 177 -5.01 16.87 -17.27
N GLN A 178 -4.09 17.16 -18.19
CA GLN A 178 -3.39 18.44 -18.26
C GLN A 178 -4.39 19.51 -18.72
N GLU A 179 -5.26 19.15 -19.68
CA GLU A 179 -6.30 20.04 -20.21
C GLU A 179 -7.26 20.49 -19.11
N TYR A 180 -7.64 19.56 -18.24
CA TYR A 180 -8.55 19.81 -17.11
C TYR A 180 -7.86 20.71 -16.06
N ALA A 181 -6.60 20.40 -15.72
CA ALA A 181 -5.81 21.14 -14.70
C ALA A 181 -5.45 22.56 -15.17
N TYR A 182 -5.36 22.77 -16.50
CA TYR A 182 -5.08 24.11 -17.07
C TYR A 182 -6.32 25.01 -16.89
N GLN A 183 -7.49 24.42 -17.18
CA GLN A 183 -8.80 25.06 -17.01
C GLN A 183 -9.06 25.34 -15.52
N LEU A 184 -8.67 24.41 -14.64
CA LEU A 184 -8.89 24.56 -13.18
C LEU A 184 -7.94 25.61 -12.58
N SER A 185 -6.67 25.65 -13.01
CA SER A 185 -5.68 26.63 -12.49
C SER A 185 -6.03 28.05 -12.95
N ALA A 186 -6.78 28.15 -14.05
CA ALA A 186 -7.31 29.42 -14.60
C ALA A 186 -8.21 30.15 -13.59
N ASP A 187 -8.85 29.42 -12.68
CA ASP A 187 -9.82 29.95 -11.70
C ASP A 187 -9.44 29.59 -10.24
N ASP A 188 -8.17 29.23 -9.97
CA ASP A 188 -7.68 28.83 -8.61
C ASP A 188 -8.31 27.50 -8.14
N ASN A 189 -8.97 26.79 -9.07
CA ASN A 189 -9.87 25.65 -8.82
C ASN A 189 -9.14 24.29 -8.83
N LEU A 190 -7.79 24.24 -8.81
CA LEU A 190 -7.02 22.95 -8.94
C LEU A 190 -7.36 21.95 -7.81
N ALA A 191 -8.09 22.39 -6.78
CA ALA A 191 -8.61 21.50 -5.73
C ALA A 191 -9.70 20.57 -6.28
N GLN A 192 -10.44 21.05 -7.30
CA GLN A 192 -11.56 20.32 -7.96
C GLN A 192 -11.09 18.98 -8.57
N LEU A 193 -9.83 18.92 -9.01
CA LEU A 193 -9.18 17.73 -9.61
C LEU A 193 -9.45 16.47 -8.77
N ASP A 194 -9.49 16.64 -7.44
CA ASP A 194 -9.69 15.56 -6.44
C ASP A 194 -11.15 15.45 -5.96
N THR A 195 -12.06 16.31 -6.44
CA THR A 195 -13.49 16.31 -6.07
C THR A 195 -14.35 15.85 -7.25
N HIS A 196 -14.00 16.33 -8.44
CA HIS A 196 -14.68 15.97 -9.68
C HIS A 196 -13.66 15.37 -10.63
N PRO A 197 -13.38 14.04 -10.55
CA PRO A 197 -12.27 13.46 -11.30
C PRO A 197 -12.50 13.33 -12.82
N VAL A 198 -11.37 13.34 -13.55
CA VAL A 198 -11.27 13.07 -15.00
C VAL A 198 -10.02 12.20 -15.19
N GLY A 199 -10.23 11.00 -15.74
CA GLY A 199 -9.19 10.04 -16.02
C GLY A 199 -9.48 9.33 -17.33
N THR A 200 -8.76 8.23 -17.56
CA THR A 200 -8.88 7.42 -18.78
C THR A 200 -9.35 6.00 -18.45
N GLY A 201 -9.71 5.76 -17.17
CA GLY A 201 -10.07 4.43 -16.67
C GLY A 201 -11.28 3.82 -17.34
N PRO A 202 -11.54 2.51 -17.14
CA PRO A 202 -12.68 1.84 -17.76
C PRO A 202 -14.01 2.28 -17.15
N TYR A 203 -13.96 2.85 -15.94
CA TYR A 203 -15.10 3.43 -15.26
C TYR A 203 -14.85 4.91 -15.07
N GLN A 204 -15.97 5.62 -14.93
CA GLN A 204 -16.11 7.05 -14.89
C GLN A 204 -16.95 7.41 -13.66
N VAL A 205 -16.70 8.56 -13.03
CA VAL A 205 -17.47 9.02 -11.84
C VAL A 205 -18.75 9.73 -12.33
N LYS A 206 -19.90 9.29 -11.81
CA LYS A 206 -21.24 9.83 -12.15
C LYS A 206 -21.63 10.86 -11.08
N ASP A 207 -21.75 10.39 -9.84
CA ASP A 207 -22.03 11.20 -8.64
C ASP A 207 -21.53 10.46 -7.39
N TYR A 208 -21.40 11.19 -6.27
CA TYR A 208 -20.92 10.64 -4.97
C TYR A 208 -21.41 11.51 -3.80
N VAL A 209 -21.32 10.95 -2.60
CA VAL A 209 -21.49 11.66 -1.35
C VAL A 209 -20.33 11.19 -0.45
N TYR A 210 -19.52 12.14 0.04
CA TYR A 210 -18.27 11.85 0.76
C TYR A 210 -18.54 10.91 1.95
N ASN A 211 -17.68 9.88 2.08
CA ASN A 211 -17.70 8.85 3.14
C ASN A 211 -19.02 8.06 3.15
N GLN A 212 -19.81 8.11 2.06
CA GLN A 212 -21.13 7.43 1.99
C GLN A 212 -21.21 6.48 0.78
N TYR A 213 -21.19 7.01 -0.44
CA TYR A 213 -21.23 6.17 -1.66
C TYR A 213 -20.48 6.86 -2.81
N VAL A 214 -20.03 6.06 -3.79
CA VAL A 214 -19.50 6.54 -5.09
C VAL A 214 -20.26 5.80 -6.21
N ARG A 215 -20.88 6.56 -7.13
CA ARG A 215 -21.61 5.99 -8.27
C ARG A 215 -20.76 6.06 -9.54
N LEU A 216 -20.32 4.89 -10.02
CA LEU A 216 -19.49 4.76 -11.22
C LEU A 216 -20.34 4.30 -12.41
N VAL A 217 -19.91 4.73 -13.59
CA VAL A 217 -20.54 4.36 -14.85
C VAL A 217 -19.42 3.96 -15.81
N ARG A 218 -19.69 2.97 -16.66
CA ARG A 218 -18.76 2.47 -17.67
C ARG A 218 -18.38 3.61 -18.62
N ASN A 219 -17.08 3.69 -18.96
CA ASN A 219 -16.50 4.59 -19.96
C ASN A 219 -16.70 3.92 -21.31
N GLU A 220 -17.51 4.54 -22.18
CA GLU A 220 -17.89 3.93 -23.48
C GLU A 220 -16.73 4.00 -24.48
N ASN A 221 -15.93 5.09 -24.43
CA ASN A 221 -14.82 5.31 -25.34
C ASN A 221 -13.49 4.90 -24.68
N TYR A 222 -13.43 3.68 -24.11
CA TYR A 222 -12.22 3.16 -23.44
C TYR A 222 -11.32 2.49 -24.48
N TRP A 223 -10.00 2.53 -24.24
CA TRP A 223 -8.94 2.08 -25.17
C TRP A 223 -8.72 0.55 -25.17
N LYS A 224 -9.46 -0.18 -24.35
CA LYS A 224 -9.27 -1.62 -24.15
C LYS A 224 -10.65 -2.28 -24.07
N LYS A 225 -10.68 -3.61 -23.92
CA LYS A 225 -11.93 -4.33 -23.71
C LYS A 225 -12.76 -3.55 -22.70
N GLU A 226 -13.97 -3.15 -23.12
CA GLU A 226 -14.98 -2.38 -22.37
C GLU A 226 -15.40 -3.12 -21.08
N ALA A 227 -15.81 -2.35 -20.06
CA ALA A 227 -16.37 -2.88 -18.80
C ALA A 227 -17.66 -3.66 -19.09
N LYS A 228 -17.86 -4.77 -18.39
CA LYS A 228 -19.03 -5.61 -18.68
C LYS A 228 -20.27 -5.11 -17.94
N ILE A 229 -20.11 -4.53 -16.73
CA ILE A 229 -21.23 -3.98 -15.93
C ILE A 229 -21.23 -2.44 -16.11
N GLU A 230 -22.38 -1.92 -16.54
CA GLU A 230 -22.55 -0.51 -16.90
C GLU A 230 -22.49 0.40 -15.66
N HIS A 231 -23.11 0.00 -14.54
CA HIS A 231 -23.22 0.84 -13.33
C HIS A 231 -22.70 0.10 -12.09
N ILE A 232 -21.75 0.71 -11.37
CA ILE A 232 -21.26 0.14 -10.10
C ILE A 232 -21.36 1.19 -8.99
N ILE A 233 -21.86 0.78 -7.81
CA ILE A 233 -21.95 1.65 -6.63
C ILE A 233 -20.96 1.14 -5.58
N VAL A 234 -20.06 2.03 -5.14
CA VAL A 234 -19.12 1.78 -4.06
C VAL A 234 -19.76 2.33 -2.78
N ASP A 235 -20.18 1.42 -1.91
CA ASP A 235 -20.87 1.73 -0.65
C ASP A 235 -19.84 1.78 0.48
N LEU A 236 -19.76 2.94 1.12
CA LEU A 236 -18.81 3.25 2.22
C LEU A 236 -19.54 3.41 3.57
N SER A 237 -20.88 3.56 3.53
CA SER A 237 -21.78 3.91 4.64
C SER A 237 -21.74 2.95 5.84
N THR A 238 -21.67 1.63 5.63
CA THR A 238 -21.83 0.62 6.73
C THR A 238 -20.50 0.32 7.45
N ASP A 239 -20.58 -0.01 8.75
CA ASP A 239 -19.44 -0.40 9.62
C ASP A 239 -19.03 -1.84 9.29
N ARG A 240 -17.89 -2.29 9.85
CA ARG A 240 -17.27 -3.61 9.57
C ARG A 240 -18.20 -4.77 9.95
N SER A 241 -18.98 -4.59 11.03
CA SER A 241 -19.90 -5.58 11.61
C SER A 241 -21.13 -5.82 10.72
N GLY A 242 -21.73 -4.73 10.26
CA GLY A 242 -22.96 -4.76 9.48
C GLY A 242 -22.72 -4.90 7.98
N ARG A 243 -21.47 -5.17 7.57
CA ARG A 243 -21.17 -5.30 6.15
C ARG A 243 -21.69 -6.64 5.62
N LEU A 244 -21.42 -7.73 6.33
CA LEU A 244 -21.94 -9.06 5.92
C LEU A 244 -23.48 -9.11 6.07
N VAL A 245 -24.03 -8.29 6.99
CA VAL A 245 -25.47 -8.11 7.20
C VAL A 245 -26.09 -7.54 5.90
N LYS A 246 -25.53 -6.44 5.39
CA LYS A 246 -25.98 -5.77 4.14
C LYS A 246 -25.88 -6.71 2.92
N PHE A 247 -24.84 -7.57 2.90
CA PHE A 247 -24.54 -8.56 1.86
C PHE A 247 -25.65 -9.63 1.77
N PHE A 248 -25.95 -10.26 2.92
CA PHE A 248 -26.94 -11.33 3.04
C PHE A 248 -28.37 -10.79 2.84
N ASN A 249 -28.54 -9.47 3.02
CA ASN A 249 -29.78 -8.73 2.79
C ASN A 249 -29.90 -8.35 1.30
N ASN A 250 -28.91 -8.77 0.51
CA ASN A 250 -28.78 -8.64 -0.97
C ASN A 250 -28.86 -7.17 -1.43
N GLU A 251 -28.32 -6.24 -0.63
CA GLU A 251 -28.14 -4.83 -0.98
C GLU A 251 -26.67 -4.58 -1.32
N CYS A 252 -25.93 -5.67 -1.59
CA CYS A 252 -24.47 -5.68 -1.61
C CYS A 252 -23.99 -7.01 -2.21
N GLN A 253 -23.40 -6.99 -3.41
CA GLN A 253 -23.05 -8.22 -4.15
C GLN A 253 -21.59 -8.64 -3.92
N ILE A 254 -20.72 -7.68 -3.62
CA ILE A 254 -19.34 -7.92 -3.15
C ILE A 254 -19.15 -7.12 -1.87
N ALA A 255 -18.71 -7.82 -0.82
CA ALA A 255 -18.42 -7.27 0.49
C ALA A 255 -16.93 -7.41 0.74
N SER A 256 -16.26 -6.28 0.97
CA SER A 256 -14.81 -6.20 1.20
C SER A 256 -14.54 -5.98 2.70
N TYR A 257 -13.38 -6.45 3.17
CA TYR A 257 -12.90 -6.32 4.58
C TYR A 257 -14.02 -6.61 5.57
N PRO A 258 -14.53 -7.87 5.69
CA PRO A 258 -15.60 -8.17 6.64
C PRO A 258 -15.07 -8.31 8.08
N GLU A 259 -15.97 -8.32 9.08
CA GLU A 259 -15.57 -8.50 10.49
C GLU A 259 -14.95 -9.90 10.63
N VAL A 260 -13.78 -9.94 11.26
CA VAL A 260 -12.92 -11.11 11.33
C VAL A 260 -13.60 -12.29 12.06
N SER A 261 -14.40 -12.01 13.10
CA SER A 261 -15.14 -13.02 13.87
C SER A 261 -16.26 -13.64 13.02
N GLN A 262 -16.81 -12.83 12.11
CA GLN A 262 -17.90 -13.20 11.20
C GLN A 262 -17.42 -14.16 10.10
N ILE A 263 -16.11 -14.18 9.81
CA ILE A 263 -15.49 -15.00 8.76
C ILE A 263 -15.66 -16.48 9.10
N GLY A 264 -15.46 -16.84 10.37
CA GLY A 264 -15.57 -18.21 10.85
C GLY A 264 -17.00 -18.76 10.82
N LEU A 265 -17.98 -17.90 10.49
CA LEU A 265 -19.40 -18.29 10.37
C LEU A 265 -19.70 -18.67 8.90
N LEU A 266 -18.89 -18.15 7.99
CA LEU A 266 -19.03 -18.36 6.54
C LEU A 266 -18.43 -19.72 6.14
N LYS A 267 -18.75 -20.20 4.93
CA LYS A 267 -18.21 -21.46 4.39
C LYS A 267 -17.86 -21.30 2.91
N ASN A 268 -17.12 -22.29 2.37
CA ASN A 268 -16.71 -22.32 0.96
C ASN A 268 -17.54 -23.36 0.19
N ASP A 269 -18.53 -23.97 0.88
CA ASP A 269 -19.44 -24.98 0.33
C ASP A 269 -20.71 -24.31 -0.20
N ASP A 270 -20.94 -23.05 0.19
CA ASP A 270 -22.20 -22.38 -0.10
C ASP A 270 -22.30 -22.07 -1.59
N LYS A 271 -23.54 -22.00 -2.05
CA LYS A 271 -23.87 -22.01 -3.45
C LYS A 271 -24.47 -20.65 -3.83
N HIS A 272 -24.58 -19.73 -2.85
CA HIS A 272 -25.09 -18.37 -3.06
C HIS A 272 -24.03 -17.31 -2.79
N TYR A 273 -22.91 -17.72 -2.21
CA TYR A 273 -21.80 -16.83 -1.95
C TYR A 273 -20.51 -17.65 -1.93
N TYR A 274 -19.42 -17.00 -2.35
CA TYR A 274 -18.09 -17.55 -2.26
C TYR A 274 -17.19 -16.49 -1.61
N MET A 275 -16.09 -16.98 -1.04
CA MET A 275 -15.07 -16.14 -0.43
C MET A 275 -13.80 -16.22 -1.26
N GLN A 276 -13.04 -15.13 -1.26
CA GLN A 276 -11.77 -15.06 -1.93
C GLN A 276 -10.77 -14.37 -1.01
N SER A 277 -9.65 -15.03 -0.75
CA SER A 277 -8.56 -14.49 0.07
C SER A 277 -7.36 -14.21 -0.82
N THR A 278 -6.39 -13.45 -0.30
CA THR A 278 -5.11 -13.21 -0.97
C THR A 278 -4.03 -12.78 0.05
N ASP A 279 -2.85 -13.36 -0.12
CA ASP A 279 -1.66 -12.98 0.59
C ASP A 279 -1.02 -11.82 -0.18
N GLY A 280 0.03 -11.23 0.40
CA GLY A 280 0.74 -10.15 -0.21
C GLY A 280 1.55 -9.41 0.81
N MET A 281 1.89 -8.15 0.52
CA MET A 281 2.56 -7.31 1.47
C MET A 281 1.49 -6.57 2.27
N ASN A 282 1.14 -7.17 3.40
CA ASN A 282 0.20 -6.69 4.40
C ASN A 282 0.77 -7.10 5.76
N LEU A 283 1.70 -6.28 6.28
CA LEU A 283 2.49 -6.58 7.48
C LEU A 283 2.07 -5.68 8.65
N ALA A 284 1.76 -6.31 9.80
CA ALA A 284 1.57 -5.64 11.10
C ALA A 284 2.90 -5.77 11.85
N TYR A 285 3.42 -4.68 12.42
CA TYR A 285 4.70 -4.76 13.14
C TYR A 285 4.74 -3.82 14.33
N LEU A 286 5.76 -4.04 15.18
CA LEU A 286 6.06 -3.21 16.34
C LEU A 286 7.45 -2.59 16.12
N ALA A 287 7.52 -1.26 16.17
CA ALA A 287 8.77 -0.52 15.98
C ALA A 287 9.31 -0.03 17.32
N PHE A 288 10.65 -0.02 17.46
CA PHE A 288 11.35 0.54 18.61
C PHE A 288 11.82 1.96 18.26
N ASN A 289 11.48 2.94 19.10
CA ASN A 289 11.90 4.35 18.92
C ASN A 289 13.39 4.45 19.27
N PHE A 290 14.25 4.62 18.25
CA PHE A 290 15.71 4.67 18.41
C PHE A 290 16.18 6.08 18.83
N ASP A 291 15.26 6.88 19.37
CA ASP A 291 15.55 8.17 19.97
C ASP A 291 15.60 7.97 21.49
N LYS A 292 15.14 6.81 21.95
CA LYS A 292 15.14 6.39 23.36
C LYS A 292 16.43 5.62 23.63
N PRO A 293 17.31 6.14 24.51
CA PRO A 293 18.63 5.52 24.75
C PRO A 293 18.60 4.04 25.16
N LEU A 294 17.46 3.61 25.71
CA LEU A 294 17.21 2.24 26.16
C LEU A 294 16.89 1.39 24.94
N MET A 295 16.04 1.93 24.06
CA MET A 295 15.59 1.24 22.84
C MET A 295 16.75 1.06 21.83
N ARG A 296 17.85 1.82 21.99
CA ARG A 296 19.06 1.70 21.13
C ARG A 296 19.96 0.52 21.59
N ASP A 297 19.62 -0.07 22.73
CA ASP A 297 20.29 -1.25 23.31
C ASP A 297 19.73 -2.50 22.60
N HIS A 298 20.61 -3.26 21.94
CA HIS A 298 20.23 -4.47 21.21
C HIS A 298 19.72 -5.56 22.16
N GLU A 299 20.28 -5.61 23.38
CA GLU A 299 19.99 -6.66 24.38
C GLU A 299 18.51 -6.64 24.78
N ILE A 300 17.96 -5.44 25.03
CA ILE A 300 16.55 -5.28 25.45
C ILE A 300 15.60 -5.51 24.25
N ARG A 301 16.00 -5.08 23.04
CA ARG A 301 15.20 -5.21 21.78
C ARG A 301 14.97 -6.67 21.41
N ALA A 302 16.01 -7.49 21.63
CA ALA A 302 16.02 -8.91 21.33
C ALA A 302 15.23 -9.69 22.39
N ALA A 303 15.20 -9.15 23.62
CA ALA A 303 14.51 -9.76 24.77
C ALA A 303 13.01 -9.46 24.71
N ILE A 304 12.65 -8.21 24.36
CA ILE A 304 11.26 -7.74 24.17
C ILE A 304 10.58 -8.63 23.11
N SER A 305 11.32 -8.95 22.04
CA SER A 305 10.85 -9.81 20.95
C SER A 305 10.64 -11.24 21.45
N GLN A 306 11.55 -11.70 22.33
CA GLN A 306 11.51 -13.06 22.91
C GLN A 306 10.33 -13.18 23.89
N SER A 307 9.90 -12.06 24.47
CA SER A 307 8.80 -12.00 25.43
C SER A 307 7.42 -12.05 24.75
N LEU A 308 7.37 -11.81 23.42
CA LEU A 308 6.09 -11.72 22.70
C LEU A 308 5.70 -13.06 22.07
N ASN A 309 4.51 -13.53 22.48
CA ASN A 309 3.88 -14.73 21.97
C ASN A 309 3.02 -14.32 20.76
N ARG A 310 3.69 -14.19 19.62
CA ARG A 310 3.07 -13.72 18.38
C ARG A 310 2.11 -14.78 17.82
N ALA A 311 2.29 -16.06 18.18
CA ALA A 311 1.41 -17.17 17.76
C ALA A 311 0.00 -16.98 18.33
N ARG A 312 -0.07 -16.68 19.64
CA ARG A 312 -1.30 -16.46 20.41
C ARG A 312 -2.05 -15.20 19.91
N ILE A 313 -1.30 -14.21 19.39
CA ILE A 313 -1.87 -12.94 18.87
C ILE A 313 -2.67 -13.20 17.57
N ILE A 314 -2.13 -14.06 16.68
CA ILE A 314 -2.69 -14.41 15.35
C ILE A 314 -4.10 -15.02 15.48
N HIS A 315 -4.37 -15.72 16.58
CA HIS A 315 -5.65 -16.38 16.78
C HIS A 315 -6.67 -15.46 17.43
N SER A 316 -6.22 -14.70 18.44
CA SER A 316 -7.08 -13.78 19.17
C SER A 316 -7.46 -12.55 18.33
N ILE A 317 -6.53 -12.07 17.48
CA ILE A 317 -6.76 -10.83 16.70
C ILE A 317 -7.24 -11.18 15.27
N TYR A 318 -6.65 -12.19 14.63
CA TYR A 318 -6.92 -12.48 13.21
C TYR A 318 -7.74 -13.75 12.95
N HIS A 319 -7.97 -14.60 13.96
CA HIS A 319 -8.75 -15.84 13.80
C HIS A 319 -8.35 -16.58 12.51
N ASN A 320 -7.08 -17.03 12.42
CA ASN A 320 -6.54 -17.85 11.31
C ASN A 320 -6.60 -17.13 9.93
N THR A 321 -6.75 -15.79 9.91
CA THR A 321 -6.65 -15.02 8.64
C THR A 321 -5.28 -14.33 8.53
N ALA A 322 -4.27 -14.87 9.24
CA ALA A 322 -2.90 -14.34 9.22
C ALA A 322 -1.86 -15.43 9.55
N THR A 323 -0.59 -15.11 9.26
CA THR A 323 0.61 -15.96 9.42
C THR A 323 1.56 -15.22 10.38
N VAL A 324 2.18 -15.92 11.34
CA VAL A 324 3.20 -15.31 12.21
C VAL A 324 4.35 -14.92 11.27
N ALA A 325 4.69 -13.62 11.21
CA ALA A 325 5.71 -13.16 10.27
C ALA A 325 7.08 -13.15 10.94
N ASN A 326 8.01 -13.90 10.33
CA ASN A 326 9.43 -13.94 10.63
C ASN A 326 10.19 -13.46 9.38
N ASN A 327 9.59 -12.48 8.67
CA ASN A 327 10.06 -11.91 7.39
C ASN A 327 9.51 -10.47 7.22
N ILE A 328 10.11 -9.70 6.31
CA ILE A 328 9.65 -8.36 5.94
C ILE A 328 9.17 -8.40 4.48
N ILE A 329 9.92 -9.12 3.63
CA ILE A 329 9.58 -9.36 2.22
C ILE A 329 8.60 -10.54 2.15
N PRO A 330 7.34 -10.38 1.66
CA PRO A 330 6.43 -11.52 1.53
C PRO A 330 6.93 -12.60 0.55
N GLU A 331 6.38 -13.82 0.64
CA GLU A 331 6.75 -14.98 -0.22
C GLU A 331 6.20 -14.82 -1.65
N VAL A 332 5.26 -13.89 -1.86
CA VAL A 332 4.67 -13.59 -3.18
C VAL A 332 5.55 -12.59 -3.97
N SER A 333 6.60 -12.04 -3.31
CA SER A 333 7.53 -11.08 -3.90
C SER A 333 8.57 -11.84 -4.71
N TRP A 334 8.89 -11.30 -5.89
CA TRP A 334 9.96 -11.84 -6.74
C TRP A 334 11.30 -11.83 -5.99
N ALA A 335 11.39 -10.96 -4.97
CA ALA A 335 12.59 -10.74 -4.17
C ALA A 335 12.65 -11.68 -2.96
N SER A 336 11.69 -12.59 -2.80
CA SER A 336 11.74 -13.57 -1.71
C SER A 336 12.51 -14.81 -2.18
N THR A 337 13.84 -14.81 -2.03
CA THR A 337 14.70 -15.97 -2.38
C THR A 337 15.01 -16.75 -1.08
N VAL A 338 14.79 -16.12 0.08
CA VAL A 338 14.90 -16.78 1.38
C VAL A 338 13.53 -17.36 1.72
N ASN A 339 13.52 -18.62 2.19
CA ASN A 339 12.30 -19.34 2.56
C ASN A 339 11.92 -18.97 3.99
N THR A 340 12.09 -17.68 4.32
CA THR A 340 11.95 -17.11 5.67
C THR A 340 12.46 -18.09 6.72
N PRO A 341 13.77 -18.07 7.08
CA PRO A 341 14.31 -18.98 8.08
C PRO A 341 13.72 -18.77 9.49
N GLU A 342 14.01 -19.69 10.42
CA GLU A 342 13.49 -19.63 11.80
C GLU A 342 14.01 -18.36 12.50
N PHE A 343 13.11 -17.69 13.22
CA PHE A 343 13.44 -16.42 13.86
C PHE A 343 14.20 -16.68 15.16
N GLU A 344 15.39 -16.06 15.24
CA GLU A 344 16.35 -16.18 16.33
C GLU A 344 15.85 -15.49 17.61
N PHE A 345 14.89 -14.56 17.48
CA PHE A 345 14.35 -13.78 18.61
C PHE A 345 12.85 -14.02 18.81
N ASP A 346 12.39 -15.22 18.41
CA ASP A 346 11.00 -15.68 18.57
C ASP A 346 10.72 -15.92 20.07
N TYR A 347 9.45 -16.23 20.39
CA TYR A 347 8.94 -16.40 21.78
C TYR A 347 9.71 -17.46 22.57
N HIS A 348 10.34 -16.98 23.67
CA HIS A 348 10.99 -17.73 24.75
C HIS A 348 10.96 -16.86 25.99
N PRO A 349 9.92 -17.00 26.85
CA PRO A 349 9.74 -16.10 28.00
C PRO A 349 10.76 -16.23 29.13
N LYS A 350 11.48 -17.35 29.18
CA LYS A 350 12.48 -17.60 30.23
C LYS A 350 13.70 -16.70 30.03
N ILE A 351 14.22 -16.60 28.80
CA ILE A 351 15.39 -15.76 28.44
C ILE A 351 15.01 -14.28 28.63
N ALA A 352 13.78 -13.93 28.20
CA ALA A 352 13.19 -12.59 28.28
C ALA A 352 13.07 -12.12 29.75
N LYS A 353 12.54 -12.99 30.62
CA LYS A 353 12.33 -12.74 32.08
C LYS A 353 13.64 -12.32 32.76
N ASN A 354 14.74 -13.03 32.45
CA ASN A 354 16.07 -12.81 33.05
C ASN A 354 16.59 -11.41 32.73
N LYS A 355 16.64 -11.08 31.42
CA LYS A 355 17.25 -9.85 30.92
C LYS A 355 16.40 -8.60 31.21
N LEU A 356 15.08 -8.74 31.46
CA LEU A 356 14.19 -7.55 31.56
C LEU A 356 13.70 -7.27 32.99
N ALA A 357 13.27 -8.31 33.74
CA ALA A 357 12.71 -8.13 35.10
C ALA A 357 13.70 -7.34 35.98
N ASP A 358 14.96 -7.81 35.99
CA ASP A 358 16.05 -7.23 36.81
C ASP A 358 16.36 -5.79 36.35
N LYS A 359 16.04 -5.46 35.09
CA LYS A 359 16.30 -4.12 34.51
C LYS A 359 15.24 -3.10 34.93
N ASN A 360 14.07 -3.56 35.41
CA ASN A 360 12.96 -2.72 35.93
C ASN A 360 12.57 -1.64 34.91
N LEU A 361 11.97 -2.05 33.78
CA LEU A 361 11.63 -1.15 32.64
C LEU A 361 10.14 -0.80 32.60
N LEU A 362 9.86 0.49 32.35
CA LEU A 362 8.51 1.07 32.12
C LEU A 362 8.54 1.87 30.80
N LEU A 363 7.74 1.43 29.81
CA LEU A 363 7.79 1.97 28.42
C LEU A 363 6.40 2.37 27.90
N ASN A 364 6.34 3.54 27.24
CA ASN A 364 5.12 4.07 26.62
C ASN A 364 4.92 3.42 25.24
N LEU A 365 3.87 2.61 25.10
CA LEU A 365 3.51 1.97 23.81
C LEU A 365 2.32 2.72 23.18
N TRP A 366 2.56 3.37 22.04
CA TRP A 366 1.51 4.10 21.32
C TRP A 366 0.87 3.19 20.27
N VAL A 367 -0.43 3.42 20.05
CA VAL A 367 -1.24 2.72 19.08
C VAL A 367 -1.99 3.79 18.27
N ILE A 368 -1.83 3.77 16.95
CA ILE A 368 -2.52 4.67 16.10
C ILE A 368 -4.02 4.33 16.15
N ASN A 369 -4.82 5.31 16.59
CA ASN A 369 -6.26 5.15 16.77
C ASN A 369 -6.98 5.42 15.44
N GLU A 370 -7.13 4.35 14.66
CA GLU A 370 -7.71 4.35 13.33
C GLU A 370 -7.99 2.89 12.93
N GLU A 371 -8.75 2.72 11.83
CA GLU A 371 -8.96 1.43 11.21
C GLU A 371 -7.68 1.08 10.44
N GLN A 372 -7.12 -0.10 10.74
CA GLN A 372 -5.89 -0.58 10.14
C GLN A 372 -6.24 -1.81 9.29
N VAL A 373 -5.67 -1.91 8.09
CA VAL A 373 -5.94 -3.06 7.21
C VAL A 373 -5.15 -4.27 7.72
N TYR A 374 -4.00 -4.01 8.36
CA TYR A 374 -3.12 -5.03 8.94
C TYR A 374 -3.51 -5.34 10.39
N ASN A 375 -4.55 -4.66 10.93
CA ASN A 375 -4.93 -4.83 12.34
C ASN A 375 -6.44 -4.68 12.52
N PRO A 376 -7.19 -5.78 12.73
CA PRO A 376 -8.61 -5.68 13.02
C PRO A 376 -8.86 -5.03 14.39
N ALA A 377 -8.08 -5.46 15.41
CA ALA A 377 -8.15 -4.96 16.79
C ALA A 377 -6.77 -4.55 17.29
N PRO A 378 -6.31 -3.31 17.00
CA PRO A 378 -4.96 -2.88 17.42
C PRO A 378 -4.75 -2.65 18.92
N PHE A 379 -5.81 -2.28 19.65
CA PHE A 379 -5.76 -2.00 21.08
C PHE A 379 -5.81 -3.31 21.88
N LYS A 380 -6.60 -4.27 21.39
CA LYS A 380 -6.66 -5.63 21.96
C LYS A 380 -5.28 -6.27 21.88
N MET A 381 -4.60 -6.10 20.74
CA MET A 381 -3.25 -6.62 20.53
C MET A 381 -2.23 -5.88 21.42
N ALA A 382 -2.44 -4.58 21.65
CA ALA A 382 -1.58 -3.78 22.52
C ALA A 382 -1.68 -4.23 23.98
N GLU A 383 -2.83 -4.82 24.37
CA GLU A 383 -3.05 -5.39 25.72
C GLU A 383 -2.33 -6.74 25.85
N MET A 384 -2.39 -7.56 24.78
CA MET A 384 -1.73 -8.88 24.70
C MET A 384 -0.20 -8.73 24.73
N ILE A 385 0.31 -7.58 24.22
CA ILE A 385 1.73 -7.21 24.22
C ILE A 385 2.11 -6.70 25.64
N LYS A 386 1.23 -5.88 26.23
CA LYS A 386 1.33 -5.34 27.61
C LYS A 386 1.35 -6.50 28.62
N TRP A 387 0.58 -7.56 28.35
CA TRP A 387 0.49 -8.74 29.20
C TRP A 387 1.77 -9.58 29.05
N ASP A 388 2.14 -9.95 27.82
CA ASP A 388 3.33 -10.76 27.50
C ASP A 388 4.63 -10.15 28.07
N LEU A 389 4.71 -8.81 28.11
CA LEU A 389 5.90 -8.08 28.59
C LEU A 389 5.91 -7.96 30.13
N ALA A 390 4.73 -7.91 30.77
CA ALA A 390 4.59 -7.89 32.24
C ALA A 390 5.11 -9.20 32.84
N GLN A 391 4.88 -10.32 32.15
CA GLN A 391 5.33 -11.67 32.55
C GLN A 391 6.86 -11.72 32.67
N ALA A 392 7.57 -10.95 31.84
CA ALA A 392 9.04 -10.88 31.83
C ALA A 392 9.56 -9.68 32.64
N GLY A 393 8.65 -8.95 33.31
CA GLY A 393 8.98 -7.84 34.22
C GLY A 393 9.12 -6.48 33.53
N VAL A 394 8.27 -6.19 32.53
CA VAL A 394 8.26 -4.89 31.83
C VAL A 394 6.86 -4.25 31.95
N LYS A 395 6.82 -3.01 32.45
CA LYS A 395 5.59 -2.23 32.57
C LYS A 395 5.35 -1.47 31.27
N VAL A 396 4.19 -1.70 30.67
CA VAL A 396 3.78 -1.05 29.42
C VAL A 396 2.57 -0.16 29.72
N LYS A 397 2.58 1.07 29.19
CA LYS A 397 1.47 2.02 29.31
C LYS A 397 1.00 2.39 27.89
N VAL A 398 -0.09 1.74 27.44
CA VAL A 398 -0.58 1.91 26.08
C VAL A 398 -1.33 3.25 25.94
N ARG A 399 -1.11 3.93 24.81
CA ARG A 399 -1.71 5.25 24.53
C ARG A 399 -2.35 5.29 23.13
N ALA A 400 -3.64 5.62 23.11
CA ALA A 400 -4.42 5.89 21.88
C ALA A 400 -3.98 7.26 21.34
N VAL A 401 -3.33 7.23 20.19
CA VAL A 401 -2.73 8.41 19.58
C VAL A 401 -3.39 8.65 18.21
N THR A 402 -3.60 9.92 17.83
CA THR A 402 -4.17 10.22 16.50
C THR A 402 -3.04 10.44 15.50
N ARG A 403 -3.34 10.20 14.22
CA ARG A 403 -2.42 10.36 13.08
C ARG A 403 -1.79 11.76 13.07
N PRO A 404 -2.52 12.90 13.21
CA PRO A 404 -1.87 14.21 13.23
C PRO A 404 -1.11 14.56 14.53
N PHE A 405 -1.52 13.96 15.66
CA PHE A 405 -0.84 14.18 16.96
C PHE A 405 0.58 13.57 16.90
N LEU A 406 0.70 12.40 16.27
CA LEU A 406 1.98 11.71 16.02
C LEU A 406 2.84 12.53 15.06
N THR A 407 2.20 13.15 14.07
CA THR A 407 2.85 14.04 13.08
C THR A 407 3.46 15.25 13.80
N ALA A 408 2.84 15.68 14.91
CA ALA A 408 3.35 16.77 15.76
C ALA A 408 4.55 16.28 16.60
N ASN A 416 7.10 10.69 25.17
CA ASN A 416 7.23 10.24 23.78
C ASN A 416 7.22 8.70 23.78
N TYR A 417 6.78 8.06 22.69
CA TYR A 417 6.66 6.59 22.67
C TYR A 417 8.03 5.91 22.70
N ASP A 418 8.07 4.75 23.35
CA ASP A 418 9.22 3.87 23.39
C ASP A 418 9.02 2.78 22.33
N LEU A 419 7.77 2.28 22.22
CA LEU A 419 7.34 1.30 21.21
C LEU A 419 6.06 1.83 20.52
N ILE A 420 5.91 1.56 19.21
CA ILE A 420 4.66 1.92 18.48
C ILE A 420 4.21 0.72 17.64
N LEU A 421 2.89 0.56 17.55
CA LEU A 421 2.25 -0.54 16.84
C LEU A 421 1.67 0.01 15.54
N SER A 422 2.21 -0.45 14.40
CA SER A 422 1.85 0.03 13.07
C SER A 422 1.90 -1.12 12.05
N GLY A 423 2.16 -0.77 10.77
CA GLY A 423 2.25 -1.76 9.70
C GLY A 423 2.34 -1.15 8.31
N TRP A 424 2.34 -2.02 7.29
CA TRP A 424 2.42 -1.58 5.91
C TRP A 424 1.58 -2.49 5.04
N LEU A 425 0.78 -1.87 4.18
CA LEU A 425 0.08 -2.56 3.10
C LEU A 425 0.64 -2.01 1.78
N ALA A 426 1.26 -2.89 0.99
CA ALA A 426 1.81 -2.55 -0.31
C ALA A 426 1.32 -3.50 -1.39
N GLY A 427 0.93 -2.93 -2.53
CA GLY A 427 0.64 -3.65 -3.76
C GLY A 427 1.89 -3.80 -4.60
N ASN A 428 2.73 -2.74 -4.56
CA ASN A 428 4.07 -2.70 -5.10
C ASN A 428 4.93 -3.64 -4.26
N LEU A 429 5.28 -4.78 -4.85
CA LEU A 429 6.00 -5.86 -4.18
C LEU A 429 7.51 -5.75 -4.44
N ASP A 430 7.94 -4.62 -5.04
CA ASP A 430 9.35 -4.23 -5.17
C ASP A 430 9.74 -3.70 -3.79
N PRO A 431 10.68 -4.36 -3.07
CA PRO A 431 11.05 -3.92 -1.73
C PRO A 431 11.57 -2.49 -1.61
N ASP A 432 11.86 -1.79 -2.73
CA ASP A 432 12.25 -0.37 -2.70
C ASP A 432 11.04 0.48 -2.26
N GLY A 433 9.84 0.00 -2.58
CA GLY A 433 8.57 0.67 -2.25
C GLY A 433 8.06 0.46 -0.84
N PHE A 434 8.64 -0.46 -0.04
CA PHE A 434 8.15 -0.70 1.33
C PHE A 434 9.28 -0.75 2.38
N MET A 435 10.45 -1.30 2.04
CA MET A 435 11.56 -1.40 2.99
C MET A 435 12.32 -0.07 3.10
N ARG A 436 12.38 0.70 2.01
CA ARG A 436 12.99 2.03 1.99
C ARG A 436 12.12 2.96 2.83
N PRO A 437 10.78 3.15 2.61
CA PRO A 437 9.99 4.02 3.49
C PRO A 437 10.12 3.74 5.00
N ILE A 438 10.02 2.46 5.40
CA ILE A 438 10.02 2.00 6.80
C ILE A 438 11.41 2.09 7.48
N LEU A 439 12.52 1.65 6.85
CA LEU A 439 13.83 1.53 7.58
C LEU A 439 14.99 2.40 7.05
N SER A 440 14.86 3.16 5.95
CA SER A 440 16.02 3.94 5.41
C SER A 440 16.34 5.17 6.27
N CYS A 441 17.56 5.71 6.12
CA CYS A 441 18.03 6.89 6.88
C CYS A 441 17.32 8.15 6.42
N GLY A 442 16.97 8.20 5.13
CA GLY A 442 16.34 9.33 4.49
C GLY A 442 14.97 9.66 5.08
N THR A 443 14.25 8.61 5.53
CA THR A 443 12.88 8.73 6.06
C THR A 443 12.85 8.71 7.60
N LYS A 444 14.02 8.71 8.26
CA LYS A 444 14.17 8.66 9.74
C LYS A 444 13.27 9.72 10.41
N ASN A 445 13.34 10.98 9.95
CA ASN A 445 12.55 12.07 10.57
C ASN A 445 11.24 12.29 9.80
N GLU A 446 10.54 11.18 9.49
CA GLU A 446 9.24 11.15 8.79
C GLU A 446 8.31 10.12 9.44
N LEU A 447 7.04 10.13 8.99
CA LEU A 447 5.97 9.30 9.53
C LEU A 447 6.16 7.84 9.11
N THR A 448 6.87 7.60 8.01
CA THR A 448 7.08 6.27 7.47
C THR A 448 8.08 5.47 8.31
N ASN A 449 9.14 6.11 8.81
CA ASN A 449 10.15 5.42 9.64
C ASN A 449 9.86 5.73 11.12
N LEU A 450 8.92 4.97 11.70
CA LEU A 450 8.48 5.11 13.11
C LEU A 450 9.51 4.56 14.10
N SER A 451 10.58 3.94 13.58
CA SER A 451 11.66 3.38 14.36
C SER A 451 12.69 4.47 14.65
N ASN A 452 12.67 5.53 13.84
CA ASN A 452 13.66 6.62 13.86
C ASN A 452 15.07 5.99 13.75
N TRP A 453 15.16 4.89 12.97
CA TRP A 453 16.37 4.04 12.73
C TRP A 453 17.17 4.58 11.55
N CYS A 454 18.47 4.29 11.58
CA CYS A 454 19.38 4.61 10.52
C CYS A 454 20.56 3.66 10.64
N ASN A 455 20.72 2.84 9.62
CA ASN A 455 21.78 1.86 9.54
C ASN A 455 22.41 2.03 8.16
N GLU A 456 23.67 2.51 8.13
CA GLU A 456 24.33 2.82 6.87
C GLU A 456 24.63 1.53 6.08
N GLU A 457 24.72 0.36 6.74
CA GLU A 457 24.95 -0.96 6.06
C GLU A 457 23.66 -1.43 5.36
N PHE A 458 22.49 -1.08 5.94
CA PHE A 458 21.15 -1.37 5.39
C PHE A 458 20.91 -0.52 4.14
N ASP A 459 21.17 0.79 4.27
CA ASP A 459 21.09 1.75 3.17
C ASP A 459 22.05 1.35 2.03
N GLN A 460 23.16 0.69 2.38
CA GLN A 460 24.17 0.17 1.44
C GLN A 460 23.55 -0.90 0.53
N PHE A 461 22.91 -1.91 1.13
CA PHE A 461 22.27 -3.02 0.39
C PHE A 461 21.14 -2.48 -0.48
N MET A 462 20.33 -1.58 0.10
CA MET A 462 19.17 -0.96 -0.51
C MET A 462 19.59 -0.18 -1.76
N ASP A 463 20.67 0.60 -1.66
CA ASP A 463 21.16 1.41 -2.78
C ASP A 463 21.72 0.50 -3.88
N ARG A 464 22.44 -0.56 -3.49
CA ARG A 464 23.00 -1.56 -4.40
C ARG A 464 21.90 -2.25 -5.21
N ALA A 465 20.79 -2.60 -4.54
CA ALA A 465 19.67 -3.36 -5.11
C ALA A 465 18.94 -2.61 -6.25
N ILE A 466 19.15 -1.29 -6.40
CA ILE A 466 18.53 -0.50 -7.49
C ILE A 466 19.61 0.02 -8.49
N THR A 467 20.89 -0.33 -8.29
CA THR A 467 21.98 0.01 -9.25
C THR A 467 22.24 -1.20 -10.17
N THR A 468 21.75 -2.37 -9.76
CA THR A 468 21.76 -3.59 -10.54
C THR A 468 20.36 -3.80 -11.12
N SER A 469 20.28 -4.17 -12.41
CA SER A 469 19.01 -4.26 -13.14
C SER A 469 18.36 -5.66 -13.07
N HIS A 470 19.12 -6.70 -12.70
CA HIS A 470 18.69 -8.11 -12.81
C HIS A 470 18.17 -8.66 -11.48
N LEU A 471 17.13 -9.50 -11.55
CA LEU A 471 16.36 -10.04 -10.41
C LEU A 471 17.24 -10.83 -9.44
N SER A 472 18.24 -11.55 -9.97
CA SER A 472 19.17 -12.39 -9.17
C SER A 472 20.01 -11.50 -8.23
N SER A 473 20.59 -10.48 -8.85
CA SER A 473 21.40 -9.42 -8.27
C SER A 473 20.56 -8.61 -7.25
N ARG A 474 19.35 -8.19 -7.66
CA ARG A 474 18.38 -7.39 -6.88
C ARG A 474 17.87 -8.15 -5.62
N ALA A 475 17.44 -9.41 -5.77
CA ALA A 475 16.92 -10.24 -4.65
C ALA A 475 18.01 -10.58 -3.64
N LYS A 476 19.25 -10.71 -4.12
CA LYS A 476 20.41 -11.01 -3.26
C LYS A 476 20.59 -9.86 -2.27
N ALA A 477 20.65 -8.61 -2.78
CA ALA A 477 20.84 -7.41 -1.96
C ALA A 477 19.62 -7.18 -1.04
N TYR A 478 18.42 -7.54 -1.50
CA TYR A 478 17.17 -7.36 -0.71
C TYR A 478 17.13 -8.40 0.41
N ASN A 479 17.64 -9.60 0.17
CA ASN A 479 17.64 -10.62 1.20
C ASN A 479 18.73 -10.35 2.23
N GLU A 480 19.82 -9.72 1.79
CA GLU A 480 20.92 -9.32 2.65
C GLU A 480 20.43 -8.27 3.65
N ALA A 481 19.66 -7.28 3.16
CA ALA A 481 19.06 -6.19 3.97
C ALA A 481 18.00 -6.76 4.93
N GLN A 482 17.20 -7.72 4.46
CA GLN A 482 16.19 -8.39 5.29
C GLN A 482 16.90 -9.12 6.44
N GLU A 483 17.95 -9.91 6.11
CA GLU A 483 18.75 -10.68 7.08
C GLU A 483 19.35 -9.74 8.13
N LEU A 484 19.85 -8.57 7.71
CA LEU A 484 20.38 -7.52 8.63
C LEU A 484 19.25 -7.01 9.54
N VAL A 485 18.07 -6.71 8.96
CA VAL A 485 16.91 -6.18 9.72
C VAL A 485 16.45 -7.22 10.76
N LEU A 486 16.39 -8.50 10.39
CA LEU A 486 15.94 -9.57 11.31
C LEU A 486 16.95 -9.82 12.44
N ARG A 487 18.23 -9.40 12.29
CA ARG A 487 19.22 -9.54 13.41
C ARG A 487 19.30 -8.22 14.20
N GLU A 488 19.28 -7.05 13.54
CA GLU A 488 19.37 -5.75 14.27
C GLU A 488 18.07 -5.41 15.01
N LEU A 489 16.96 -6.02 14.60
CA LEU A 489 15.60 -5.88 15.19
C LEU A 489 15.15 -4.41 15.32
N PRO A 490 15.11 -3.62 14.23
CA PRO A 490 14.56 -2.26 14.32
C PRO A 490 13.02 -2.26 14.44
N ILE A 491 12.41 -3.36 13.97
CA ILE A 491 10.97 -3.64 14.08
C ILE A 491 10.79 -5.14 14.39
N ILE A 492 9.68 -5.49 15.07
CA ILE A 492 9.31 -6.89 15.25
C ILE A 492 8.12 -7.20 14.33
N PRO A 493 8.32 -7.97 13.24
CA PRO A 493 7.19 -8.38 12.41
C PRO A 493 6.27 -9.29 13.23
N ILE A 494 4.97 -8.96 13.24
CA ILE A 494 3.95 -9.67 14.00
C ILE A 494 3.15 -10.59 13.06
N ALA A 495 2.49 -10.03 12.04
CA ALA A 495 1.53 -10.79 11.21
C ALA A 495 1.69 -10.53 9.70
N ASN A 496 1.44 -11.60 8.94
CA ASN A 496 1.27 -11.64 7.51
C ASN A 496 -0.24 -11.74 7.27
N VAL A 497 -0.89 -10.60 7.03
CA VAL A 497 -2.35 -10.48 7.00
C VAL A 497 -2.89 -10.73 5.59
N LYS A 498 -4.06 -11.38 5.51
CA LYS A 498 -4.75 -11.72 4.26
C LYS A 498 -5.92 -10.76 4.06
N ARG A 499 -6.00 -10.17 2.87
CA ARG A 499 -7.15 -9.39 2.46
C ARG A 499 -8.23 -10.37 1.99
N ILE A 500 -9.45 -10.21 2.50
CA ILE A 500 -10.57 -11.12 2.28
C ILE A 500 -11.73 -10.33 1.64
N LEU A 501 -12.50 -10.99 0.78
CA LEU A 501 -13.81 -10.50 0.33
C LEU A 501 -14.79 -11.66 0.15
N VAL A 502 -16.08 -11.32 0.25
CA VAL A 502 -17.18 -12.25 0.04
C VAL A 502 -17.95 -11.75 -1.20
N ALA A 503 -18.27 -12.67 -2.12
CA ALA A 503 -19.03 -12.35 -3.33
C ALA A 503 -20.21 -13.31 -3.48
N ASN A 504 -21.28 -12.80 -4.08
CA ASN A 504 -22.50 -13.52 -4.44
C ASN A 504 -22.22 -14.48 -5.61
N SER A 505 -22.99 -15.57 -5.70
CA SER A 505 -22.81 -16.63 -6.71
C SER A 505 -23.15 -16.14 -8.13
N ARG A 506 -24.00 -15.12 -8.25
CA ARG A 506 -24.37 -14.47 -9.53
C ARG A 506 -23.14 -13.81 -10.16
N VAL A 507 -22.29 -13.24 -9.30
CA VAL A 507 -21.13 -12.45 -9.71
C VAL A 507 -19.95 -13.37 -10.07
N LYS A 508 -19.53 -13.25 -11.34
CA LYS A 508 -18.33 -13.91 -11.87
C LYS A 508 -17.38 -12.81 -12.37
N GLY A 509 -16.11 -13.18 -12.53
CA GLY A 509 -15.07 -12.25 -12.95
C GLY A 509 -14.38 -11.55 -11.78
N VAL A 510 -14.27 -12.25 -10.64
CA VAL A 510 -13.65 -11.69 -9.44
C VAL A 510 -12.24 -12.30 -9.31
N LYS A 511 -11.22 -11.43 -9.35
CA LYS A 511 -9.83 -11.86 -9.19
C LYS A 511 -9.11 -10.95 -8.21
N MET A 512 -8.88 -11.50 -7.00
CA MET A 512 -8.14 -10.85 -5.95
C MET A 512 -6.67 -11.22 -6.13
N THR A 513 -5.81 -10.20 -6.10
CA THR A 513 -4.37 -10.32 -6.36
C THR A 513 -3.58 -9.63 -5.24
N PRO A 514 -2.32 -10.05 -4.96
CA PRO A 514 -1.48 -9.36 -3.99
C PRO A 514 -1.01 -7.98 -4.50
N PHE A 515 -1.21 -7.72 -5.80
CA PHE A 515 -0.59 -6.60 -6.52
C PHE A 515 -1.45 -5.33 -6.44
N GLY A 516 -2.75 -5.47 -6.20
CA GLY A 516 -3.61 -4.30 -6.08
C GLY A 516 -4.99 -4.63 -5.55
N SER A 517 -5.87 -3.63 -5.69
CA SER A 517 -7.29 -3.71 -5.34
C SER A 517 -8.00 -4.68 -6.29
N LEU A 518 -9.24 -4.36 -6.69
CA LEU A 518 -10.03 -5.23 -7.55
C LEU A 518 -10.31 -4.52 -8.87
N ASP A 519 -10.19 -5.26 -9.96
CA ASP A 519 -10.55 -4.80 -11.28
C ASP A 519 -12.06 -5.00 -11.46
N PHE A 520 -12.85 -3.91 -11.47
CA PHE A 520 -14.33 -3.96 -11.68
C PHE A 520 -14.68 -4.18 -13.17
N SER A 521 -13.70 -4.07 -14.07
CA SER A 521 -13.89 -4.23 -15.52
C SER A 521 -14.26 -5.67 -15.90
N THR A 522 -13.73 -6.63 -15.14
CA THR A 522 -13.88 -8.05 -15.40
C THR A 522 -15.13 -8.63 -14.76
N LEU A 523 -15.86 -7.84 -13.95
CA LEU A 523 -17.07 -8.32 -13.25
C LEU A 523 -18.22 -8.46 -14.26
N TYR A 524 -19.07 -9.48 -14.04
CA TYR A 524 -20.27 -9.75 -14.85
C TYR A 524 -21.18 -10.70 -14.07
N PHE A 525 -22.50 -10.62 -14.35
CA PHE A 525 -23.53 -11.45 -13.72
C PHE A 525 -23.82 -12.70 -14.59
N ILE A 526 -24.14 -13.82 -13.93
CA ILE A 526 -24.52 -15.09 -14.58
C ILE A 526 -25.93 -15.50 -14.12
#